data_3EPZ
#
_entry.id   3EPZ
#
_cell.length_a   57.544
_cell.length_b   59.768
_cell.length_c   96.286
_cell.angle_alpha   90.00
_cell.angle_beta   92.31
_cell.angle_gamma   90.00
#
_symmetry.space_group_name_H-M   'P 1 21 1'
#
loop_
_entity.id
_entity.type
_entity.pdbx_description
1 polymer 'DNA (cytosine-5)-methyltransferase 1'
2 non-polymer 'ZINC ION'
3 non-polymer beta-D-glucopyranose
4 non-polymer GLYCEROL
5 non-polymer 'SODIUM ION'
6 water water
#
_entity_poly.entity_id   1
_entity_poly.type   'polypeptide(L)'
_entity_poly.pdbx_seq_one_letter_code
;(MSE)HHHHHHSSGRENLYFQGPKCIQCGQYLDDPDLKYGQHPPDAVDEPQ(MSE)LTNEKLSIFDANESGFESYEALPQ
HKLTCFSVYCKHGHLCPIDTGLIEKNIELFFSGSAKPIYDDDPSLEGGVNGKNLGPINEWWITGFDGGEKALIGFSTSFA
EYIL(MSE)DPSPEYAPIFGL(MSE)QEKIYISKIVVEFLQSNSDSTYEDLINKIETTVPPSGLNLNRFTEDSLLRHAQF
VVEQVESYDEAGDSDEQPIFLTPC(MSE)RDLIKLAGVTLGQRRAQAR
;
_entity_poly.pdbx_strand_id   A,B
#
# COMPACT_ATOMS: atom_id res chain seq x y z
N GLY A 18 2.99 23.76 33.80
CA GLY A 18 3.30 22.30 33.86
C GLY A 18 3.84 21.75 32.54
N PRO A 19 4.30 20.48 32.55
CA PRO A 19 4.84 19.83 31.35
C PRO A 19 3.78 19.62 30.27
N LYS A 20 4.18 19.66 29.00
CA LYS A 20 3.24 19.45 27.89
C LYS A 20 3.55 18.13 27.22
N CYS A 21 2.56 17.58 26.53
CA CYS A 21 2.80 16.44 25.68
C CYS A 21 3.52 16.91 24.42
N ILE A 22 4.59 16.24 24.03
CA ILE A 22 5.33 16.68 22.85
C ILE A 22 4.65 16.32 21.53
N GLN A 23 3.57 15.53 21.61
CA GLN A 23 2.79 15.18 20.42
C GLN A 23 1.68 16.18 20.14
N CYS A 24 0.80 16.40 21.13
CA CYS A 24 -0.40 17.23 20.96
C CYS A 24 -0.36 18.60 21.64
N GLY A 25 0.65 18.81 22.48
CA GLY A 25 0.81 20.10 23.17
C GLY A 25 -0.14 20.30 24.35
N GLN A 26 -0.84 19.25 24.76
CA GLN A 26 -1.74 19.37 25.91
C GLN A 26 -0.96 19.26 27.22
N TYR A 27 -1.40 20.03 28.21
CA TYR A 27 -0.75 20.03 29.53
C TYR A 27 -1.13 18.77 30.29
N LEU A 28 -0.10 18.03 30.70
CA LEU A 28 -0.28 16.76 31.39
C LEU A 28 -1.07 16.87 32.68
N ASP A 29 -0.95 18.01 33.36
CA ASP A 29 -1.59 18.24 34.66
C ASP A 29 -2.92 19.01 34.54
N ASP A 30 -3.37 19.24 33.31
CA ASP A 30 -4.67 19.88 33.03
C ASP A 30 -5.79 18.96 33.52
N PRO A 31 -6.71 19.49 34.36
CA PRO A 31 -7.80 18.65 34.88
C PRO A 31 -8.80 18.23 33.81
N ASP A 32 -8.84 18.98 32.70
CA ASP A 32 -9.70 18.68 31.55
C ASP A 32 -9.12 17.66 30.57
N LEU A 33 -7.88 17.26 30.79
CA LEU A 33 -7.20 16.31 29.94
C LEU A 33 -7.88 14.95 30.00
N LYS A 34 -8.21 14.40 28.84
CA LYS A 34 -8.92 13.13 28.77
C LYS A 34 -8.12 12.08 28.04
N TYR A 35 -8.17 10.85 28.55
CA TYR A 35 -7.47 9.71 27.97
C TYR A 35 -8.46 8.80 27.30
N GLY A 36 -8.01 8.13 26.23
CA GLY A 36 -8.84 7.16 25.50
C GLY A 36 -9.10 5.88 26.29
N GLN A 37 -10.32 5.36 26.18
CA GLN A 37 -10.67 4.09 26.82
C GLN A 37 -11.22 3.08 25.82
N HIS A 38 -10.93 1.80 26.06
CA HIS A 38 -11.36 0.76 25.16
C HIS A 38 -11.79 -0.45 25.97
N PRO A 39 -12.82 -1.17 25.51
CA PRO A 39 -13.19 -2.44 26.15
C PRO A 39 -12.01 -3.43 26.06
N PRO A 40 -11.92 -4.38 27.01
CA PRO A 40 -10.77 -5.30 27.16
C PRO A 40 -10.48 -6.21 25.97
N ASP A 41 -11.48 -6.45 25.12
CA ASP A 41 -11.25 -7.34 23.98
C ASP A 41 -10.83 -6.58 22.70
N ALA A 42 -10.69 -5.26 22.81
CA ALA A 42 -10.28 -4.42 21.68
C ALA A 42 -8.98 -4.95 21.07
N VAL A 43 -8.92 -4.94 19.74
CA VAL A 43 -7.74 -5.36 19.00
C VAL A 43 -7.17 -4.27 18.06
N ASP A 44 -5.92 -4.49 17.66
CA ASP A 44 -5.18 -3.76 16.60
C ASP A 44 -5.89 -3.64 15.29
N GLU A 45 -5.50 -2.63 14.51
CA GLU A 45 -5.91 -2.59 13.11
C GLU A 45 -5.40 -3.82 12.33
N PRO A 46 -4.10 -4.18 12.48
CA PRO A 46 -3.67 -5.39 11.77
C PRO A 46 -4.43 -6.65 12.21
N GLN A 47 -4.66 -6.78 13.51
CA GLN A 47 -5.42 -7.91 14.03
C GLN A 47 -6.84 -7.93 13.48
N LEU A 49 -8.10 -6.48 10.71
CA LEU A 49 -8.19 -6.67 9.27
C LEU A 49 -7.91 -8.11 8.88
N THR A 50 -7.04 -8.76 9.65
CA THR A 50 -6.73 -10.18 9.48
C THR A 50 -7.95 -11.04 9.76
N ASN A 51 -8.53 -10.88 10.95
CA ASN A 51 -9.76 -11.58 11.34
C ASN A 51 -10.83 -11.41 10.28
N GLU A 52 -10.92 -10.19 9.76
CA GLU A 52 -11.90 -9.82 8.75
C GLU A 52 -11.72 -10.62 7.46
N LYS A 53 -10.49 -10.69 6.97
CA LYS A 53 -10.14 -11.51 5.80
C LYS A 53 -10.66 -12.95 5.90
N LEU A 54 -10.51 -13.55 7.09
CA LEU A 54 -11.01 -14.89 7.35
C LEU A 54 -12.54 -14.96 7.27
N SER A 55 -13.21 -13.92 7.75
CA SER A 55 -14.68 -13.85 7.74
C SER A 55 -15.29 -13.73 6.33
N ILE A 56 -14.59 -13.04 5.43
CA ILE A 56 -15.03 -12.93 4.04
C ILE A 56 -14.60 -14.12 3.19
N PHE A 57 -13.59 -14.85 3.68
CA PHE A 57 -13.21 -16.14 3.09
C PHE A 57 -14.30 -17.17 3.42
N ASP A 58 -14.91 -17.04 4.61
CA ASP A 58 -16.00 -17.91 5.03
C ASP A 58 -17.33 -17.43 4.47
N ALA A 69 -14.00 -7.60 -0.85
CA ALA A 69 -12.55 -7.71 -0.73
C ALA A 69 -12.00 -6.64 0.20
N LEU A 70 -12.10 -5.38 -0.22
CA LEU A 70 -11.68 -4.26 0.63
C LEU A 70 -12.79 -3.21 0.76
N PRO A 71 -13.79 -3.49 1.62
CA PRO A 71 -14.86 -2.52 1.84
C PRO A 71 -14.45 -1.44 2.82
N GLN A 72 -15.22 -0.37 2.87
CA GLN A 72 -15.07 0.66 3.88
C GLN A 72 -15.71 0.16 5.19
N HIS A 73 -15.43 0.84 6.29
CA HIS A 73 -15.96 0.46 7.60
C HIS A 73 -16.76 1.62 8.18
N LYS A 74 -17.83 1.29 8.90
CA LYS A 74 -18.49 2.24 9.79
C LYS A 74 -17.75 2.15 11.10
N LEU A 75 -17.55 3.29 11.76
CA LEU A 75 -16.90 3.29 13.05
C LEU A 75 -17.71 4.10 14.05
N THR A 76 -18.15 3.45 15.14
CA THR A 76 -18.99 4.12 16.13
C THR A 76 -18.39 4.11 17.53
N CYS A 77 -18.98 4.89 18.44
CA CYS A 77 -18.42 5.10 19.79
C CYS A 77 -16.91 5.36 19.69
N PHE A 78 -16.53 6.26 18.78
CA PHE A 78 -15.13 6.46 18.42
C PHE A 78 -14.41 7.51 19.28
N SER A 79 -13.09 7.40 19.33
CA SER A 79 -12.21 8.35 19.99
C SER A 79 -10.98 8.55 19.11
N VAL A 80 -10.39 9.74 19.18
CA VAL A 80 -9.18 10.09 18.44
C VAL A 80 -8.14 10.62 19.43
N TYR A 81 -6.90 10.13 19.33
CA TYR A 81 -5.86 10.52 20.29
C TYR A 81 -4.45 10.46 19.74
N CYS A 82 -3.53 11.14 20.44
CA CYS A 82 -2.09 11.05 20.14
C CYS A 82 -1.55 9.71 20.61
N LYS A 83 -0.26 9.46 20.38
CA LYS A 83 0.35 8.18 20.73
C LYS A 83 0.38 7.90 22.23
N HIS A 84 0.19 8.94 23.05
CA HIS A 84 0.21 8.80 24.49
C HIS A 84 -1.20 8.69 25.09
N GLY A 85 -2.20 8.60 24.21
CA GLY A 85 -3.58 8.41 24.62
C GLY A 85 -4.41 9.65 24.92
N HIS A 86 -3.85 10.85 24.74
CA HIS A 86 -4.59 12.09 24.95
C HIS A 86 -5.62 12.32 23.85
N LEU A 87 -6.88 12.48 24.22
CA LEU A 87 -7.93 12.79 23.25
C LEU A 87 -7.66 14.12 22.54
N CYS A 88 -7.75 14.10 21.22
CA CYS A 88 -7.29 15.17 20.31
C CYS A 88 -8.31 15.55 19.27
N PRO A 89 -8.35 16.85 18.86
CA PRO A 89 -9.14 17.23 17.69
C PRO A 89 -8.59 16.66 16.39
N ILE A 90 -9.49 16.42 15.46
CA ILE A 90 -9.21 15.92 14.11
C ILE A 90 -8.67 17.05 13.24
N ASP A 91 -9.00 18.29 13.60
CA ASP A 91 -9.01 19.36 12.63
C ASP A 91 -8.19 20.58 13.03
N THR A 92 -7.20 20.38 13.90
CA THR A 92 -6.38 21.52 14.33
C THR A 92 -4.99 21.49 13.71
N GLY A 93 -4.80 20.62 12.72
CA GLY A 93 -3.56 20.59 11.95
C GLY A 93 -2.55 19.52 12.34
N LEU A 94 -2.88 18.70 13.34
CA LEU A 94 -1.93 17.69 13.81
C LEU A 94 -1.55 16.70 12.71
N ILE A 95 -2.56 16.14 12.04
CA ILE A 95 -2.33 15.19 10.96
C ILE A 95 -1.43 15.75 9.84
N GLU A 96 -1.70 16.96 9.38
CA GLU A 96 -0.96 17.59 8.27
C GLU A 96 0.48 17.97 8.65
N LYS A 97 0.72 18.23 9.93
CA LYS A 97 2.06 18.40 10.47
C LYS A 97 2.82 17.07 10.67
N ASN A 98 2.18 15.95 10.34
CA ASN A 98 2.78 14.61 10.45
C ASN A 98 2.97 14.17 11.92
N ILE A 99 2.09 14.66 12.79
CA ILE A 99 1.96 14.10 14.12
C ILE A 99 0.95 12.94 14.05
N GLU A 100 1.28 11.80 14.64
CA GLU A 100 0.45 10.60 14.53
C GLU A 100 -0.79 10.66 15.42
N LEU A 101 -1.96 10.52 14.78
CA LEU A 101 -3.22 10.41 15.49
C LEU A 101 -3.77 9.00 15.33
N PHE A 102 -4.08 8.40 16.47
CA PHE A 102 -4.62 7.05 16.50
C PHE A 102 -6.11 7.12 16.85
N PHE A 103 -6.84 6.05 16.60
CA PHE A 103 -8.28 6.07 16.92
C PHE A 103 -8.83 4.70 17.33
N SER A 104 -10.03 4.70 17.89
CA SER A 104 -10.65 3.47 18.39
C SER A 104 -12.17 3.58 18.28
N GLY A 105 -12.83 2.43 18.36
CA GLY A 105 -14.27 2.34 18.24
C GLY A 105 -14.69 0.95 17.85
N SER A 106 -15.98 0.80 17.58
CA SER A 106 -16.59 -0.45 17.12
C SER A 106 -16.77 -0.37 15.61
N ALA A 107 -16.11 -1.26 14.89
CA ALA A 107 -16.12 -1.21 13.43
C ALA A 107 -17.02 -2.27 12.80
N LYS A 108 -17.70 -1.88 11.72
CA LYS A 108 -18.43 -2.82 10.85
C LYS A 108 -18.08 -2.50 9.40
N PRO A 109 -17.84 -3.54 8.57
CA PRO A 109 -17.66 -3.36 7.13
C PRO A 109 -18.95 -2.89 6.47
N ILE A 110 -18.83 -2.14 5.38
CA ILE A 110 -19.99 -1.72 4.57
C ILE A 110 -19.66 -1.77 3.09
N PRO A 115 -25.99 -1.80 9.22
CA PRO A 115 -26.70 -1.48 10.46
C PRO A 115 -26.82 -2.71 11.36
N GLY A 119 -23.49 -6.48 14.86
CA GLY A 119 -22.45 -6.50 15.88
C GLY A 119 -21.10 -6.06 15.32
N GLY A 120 -20.50 -5.05 15.94
CA GLY A 120 -19.20 -4.56 15.49
C GLY A 120 -18.00 -5.20 16.16
N VAL A 121 -16.82 -4.91 15.65
CA VAL A 121 -15.58 -5.38 16.23
C VAL A 121 -14.86 -4.21 16.92
N ASN A 122 -14.56 -4.38 18.20
CA ASN A 122 -13.83 -3.38 18.98
C ASN A 122 -12.37 -3.20 18.56
N GLY A 123 -12.04 -2.03 18.03
CA GLY A 123 -10.66 -1.73 17.63
C GLY A 123 -10.06 -0.63 18.49
N LYS A 124 -8.75 -0.67 18.68
CA LYS A 124 -8.02 0.36 19.43
C LYS A 124 -6.67 0.64 18.78
N ASN A 125 -6.13 1.83 19.02
CA ASN A 125 -4.85 2.25 18.43
C ASN A 125 -4.80 1.98 16.93
N LEU A 126 -5.93 2.19 16.26
CA LEU A 126 -6.00 2.03 14.83
C LEU A 126 -5.22 3.17 14.19
N GLY A 127 -4.75 2.96 12.97
CA GLY A 127 -4.05 4.00 12.26
C GLY A 127 -2.54 3.88 12.38
N PRO A 128 -1.81 5.02 12.29
CA PRO A 128 -2.32 6.39 12.27
C PRO A 128 -3.15 6.80 11.06
N ILE A 129 -3.86 7.92 11.24
CA ILE A 129 -4.64 8.55 10.18
C ILE A 129 -3.71 9.27 9.19
N ASN A 130 -3.79 8.87 7.92
CA ASN A 130 -3.02 9.56 6.88
C ASN A 130 -3.76 10.77 6.32
N GLU A 131 -5.09 10.69 6.34
CA GLU A 131 -5.94 11.75 5.81
C GLU A 131 -7.34 11.62 6.41
N TRP A 132 -7.97 12.76 6.70
CA TRP A 132 -9.42 12.81 6.90
C TRP A 132 -10.12 13.58 5.77
N TRP A 133 -11.40 13.28 5.57
CA TRP A 133 -12.15 13.73 4.41
C TRP A 133 -13.66 13.66 4.68
N ILE A 134 -14.45 14.05 3.68
CA ILE A 134 -15.91 14.10 3.78
C ILE A 134 -16.54 13.10 2.82
N THR A 135 -17.68 12.54 3.19
CA THR A 135 -18.43 11.63 2.32
C THR A 135 -19.94 11.65 2.61
N GLY A 136 -20.73 11.13 1.67
CA GLY A 136 -22.20 11.19 1.77
C GLY A 136 -22.90 9.83 1.82
N GLY A 140 -27.55 10.40 1.79
CA GLY A 140 -28.67 11.33 1.84
C GLY A 140 -28.31 12.72 2.32
N GLU A 141 -27.53 13.45 1.52
CA GLU A 141 -27.19 14.88 1.75
C GLU A 141 -26.48 15.23 3.06
N LYS A 142 -26.01 14.21 3.77
CA LYS A 142 -25.25 14.41 5.01
C LYS A 142 -23.78 14.10 4.74
N ALA A 143 -22.89 15.02 5.12
CA ALA A 143 -21.48 14.83 4.85
C ALA A 143 -20.75 14.30 6.08
N LEU A 144 -20.41 13.01 6.03
CA LEU A 144 -19.81 12.31 7.16
C LEU A 144 -18.29 12.41 7.11
N ILE A 145 -17.69 12.53 8.29
CA ILE A 145 -16.25 12.46 8.43
C ILE A 145 -15.77 11.02 8.18
N GLY A 146 -14.65 10.91 7.48
CA GLY A 146 -14.02 9.63 7.21
C GLY A 146 -12.51 9.75 7.38
N PHE A 147 -11.89 8.63 7.72
CA PHE A 147 -10.45 8.54 7.93
C PHE A 147 -9.89 7.54 6.95
N SER A 148 -8.70 7.81 6.41
CA SER A 148 -7.90 6.81 5.70
C SER A 148 -6.69 6.45 6.54
N THR A 149 -6.46 5.16 6.72
CA THR A 149 -5.17 4.67 7.18
C THR A 149 -4.57 3.99 5.96
N SER A 150 -3.37 3.47 6.09
CA SER A 150 -2.73 2.81 4.97
C SER A 150 -3.51 1.58 4.53
N PHE A 151 -4.30 1.01 5.43
CA PHE A 151 -4.92 -0.29 5.21
C PHE A 151 -6.44 -0.25 5.03
N ALA A 152 -7.10 0.84 5.42
CA ALA A 152 -8.56 0.85 5.47
C ALA A 152 -9.17 2.24 5.54
N GLU A 153 -10.48 2.30 5.27
CA GLU A 153 -11.25 3.53 5.39
C GLU A 153 -12.35 3.36 6.40
N TYR A 154 -12.61 4.43 7.14
CA TYR A 154 -13.53 4.41 8.27
C TYR A 154 -14.45 5.62 8.19
N ILE A 155 -15.76 5.35 8.11
CA ILE A 155 -16.77 6.41 8.18
C ILE A 155 -17.22 6.52 9.64
N LEU A 156 -17.02 7.71 10.22
CA LEU A 156 -17.34 7.98 11.62
C LEU A 156 -18.84 8.14 11.85
N ASP A 158 -21.13 7.75 15.66
CA ASP A 158 -21.28 8.50 16.91
C ASP A 158 -19.99 8.53 17.70
N PRO A 159 -19.60 9.72 18.20
CA PRO A 159 -18.43 9.79 19.09
C PRO A 159 -18.71 9.04 20.39
N SER A 160 -17.67 8.52 21.04
CA SER A 160 -17.76 8.08 22.42
C SER A 160 -18.20 9.29 23.26
N PRO A 161 -18.81 9.05 24.43
CA PRO A 161 -19.25 10.20 25.23
C PRO A 161 -18.09 11.06 25.71
N GLU A 162 -16.93 10.45 25.96
CA GLU A 162 -15.72 11.21 26.35
C GLU A 162 -15.14 12.04 25.18
N TYR A 163 -15.31 11.56 23.96
CA TYR A 163 -14.76 12.25 22.79
C TYR A 163 -15.71 13.32 22.26
N ALA A 164 -16.99 13.16 22.57
CA ALA A 164 -18.05 13.99 22.00
C ALA A 164 -17.84 15.50 22.13
N PRO A 165 -17.37 16.01 23.28
CA PRO A 165 -17.11 17.45 23.36
C PRO A 165 -15.95 17.93 22.48
N ILE A 166 -14.95 17.09 22.23
CA ILE A 166 -13.87 17.44 21.31
C ILE A 166 -14.32 17.37 19.83
N PHE A 167 -15.01 16.30 19.47
CA PHE A 167 -15.63 16.19 18.16
C PHE A 167 -16.60 17.35 17.91
N GLY A 168 -17.23 17.80 18.98
CA GLY A 168 -18.17 18.91 18.95
C GLY A 168 -17.51 20.24 18.65
N LEU A 169 -16.18 20.32 18.81
CA LEU A 169 -15.45 21.56 18.53
C LEU A 169 -14.86 21.64 17.11
N GLN A 171 -14.34 22.88 13.66
CA GLN A 171 -14.50 24.27 13.20
C GLN A 171 -15.30 24.32 11.90
N GLU A 172 -15.99 25.44 11.70
CA GLU A 172 -16.71 25.68 10.47
C GLU A 172 -15.75 25.69 9.26
N LYS A 173 -14.64 26.43 9.36
CA LYS A 173 -13.73 26.58 8.22
C LYS A 173 -13.06 25.29 7.70
N ILE A 174 -12.73 24.36 8.59
CA ILE A 174 -12.08 23.13 8.10
C ILE A 174 -13.09 22.13 7.51
N TYR A 175 -14.29 22.07 8.09
CA TYR A 175 -15.37 21.25 7.56
C TYR A 175 -15.84 21.78 6.21
N ILE A 176 -16.07 23.08 6.13
CA ILE A 176 -16.37 23.76 4.86
C ILE A 176 -15.31 23.46 3.79
N SER A 177 -14.04 23.55 4.18
CA SER A 177 -12.95 23.21 3.27
C SER A 177 -13.08 21.81 2.69
N LYS A 178 -13.41 20.85 3.53
CA LYS A 178 -13.51 19.45 3.11
C LYS A 178 -14.66 19.25 2.14
N ILE A 179 -15.78 19.92 2.43
CA ILE A 179 -16.94 19.93 1.55
C ILE A 179 -16.54 20.49 0.17
N VAL A 180 -15.89 21.65 0.19
CA VAL A 180 -15.41 22.27 -1.04
C VAL A 180 -14.51 21.31 -1.82
N VAL A 181 -13.48 20.77 -1.17
CA VAL A 181 -12.58 19.85 -1.84
C VAL A 181 -13.34 18.63 -2.41
N GLU A 182 -14.22 18.05 -1.59
CA GLU A 182 -15.02 16.91 -2.00
C GLU A 182 -15.92 17.23 -3.22
N PHE A 183 -16.66 18.32 -3.14
CA PHE A 183 -17.53 18.73 -4.22
C PHE A 183 -16.80 19.02 -5.55
N LEU A 184 -15.60 19.59 -5.49
CA LEU A 184 -14.88 19.93 -6.72
C LEU A 184 -14.16 18.74 -7.37
N GLN A 185 -13.73 17.78 -6.56
CA GLN A 185 -13.18 16.52 -7.08
C GLN A 185 -14.20 15.81 -7.98
N SER A 186 -15.45 15.80 -7.54
CA SER A 186 -16.51 15.04 -8.20
C SER A 186 -17.18 15.83 -9.32
N ASN A 187 -17.02 17.15 -9.29
CA ASN A 187 -17.65 18.01 -10.29
C ASN A 187 -16.67 19.06 -10.83
N SER A 188 -15.85 18.67 -11.79
CA SER A 188 -14.77 19.52 -12.32
C SER A 188 -15.20 20.78 -13.09
N ASP A 189 -16.50 20.92 -13.37
CA ASP A 189 -16.98 22.06 -14.17
C ASP A 189 -17.88 23.00 -13.35
N SER A 190 -17.83 22.87 -12.04
CA SER A 190 -18.73 23.57 -11.14
C SER A 190 -18.56 25.09 -11.13
N THR A 191 -19.70 25.77 -11.13
CA THR A 191 -19.74 27.22 -11.00
C THR A 191 -19.87 27.60 -9.53
N TYR A 192 -19.71 28.88 -9.25
CA TYR A 192 -19.84 29.40 -7.90
C TYR A 192 -21.27 29.12 -7.36
N GLU A 193 -22.28 29.25 -8.22
CA GLU A 193 -23.67 29.03 -7.84
C GLU A 193 -23.92 27.57 -7.44
N ASP A 194 -23.33 26.65 -8.21
CA ASP A 194 -23.34 25.23 -7.87
C ASP A 194 -22.72 24.95 -6.50
N LEU A 195 -21.66 25.69 -6.18
CA LEU A 195 -20.92 25.48 -4.94
C LEU A 195 -21.70 25.98 -3.74
N ILE A 196 -22.28 27.17 -3.85
CA ILE A 196 -23.08 27.75 -2.78
C ILE A 196 -24.31 26.85 -2.51
N ASN A 197 -24.93 26.35 -3.57
N ASN A 197 -24.93 26.35 -3.58
CA ASN A 197 -26.02 25.40 -3.45
CA ASN A 197 -26.04 25.40 -3.48
C ASN A 197 -25.65 24.14 -2.67
C ASN A 197 -25.67 24.12 -2.73
N LYS A 198 -24.50 23.56 -3.02
CA LYS A 198 -24.03 22.35 -2.35
C LYS A 198 -23.81 22.61 -0.87
N ILE A 199 -23.23 23.78 -0.58
CA ILE A 199 -22.91 24.18 0.78
C ILE A 199 -24.18 24.41 1.62
N GLU A 200 -25.12 25.17 1.07
CA GLU A 200 -26.40 25.47 1.74
C GLU A 200 -27.23 24.22 2.07
N THR A 201 -27.18 23.21 1.21
CA THR A 201 -27.96 21.99 1.45
C THR A 201 -27.22 20.91 2.23
N THR A 202 -25.92 21.09 2.47
CA THR A 202 -25.20 20.09 3.25
C THR A 202 -25.53 20.20 4.73
N VAL A 203 -26.06 19.12 5.29
CA VAL A 203 -26.34 19.05 6.72
C VAL A 203 -25.17 18.39 7.46
N PRO A 204 -24.52 19.13 8.36
CA PRO A 204 -23.49 18.52 9.21
C PRO A 204 -24.15 17.51 10.17
N PRO A 205 -23.50 16.36 10.42
CA PRO A 205 -24.00 15.46 11.49
C PRO A 205 -23.99 16.20 12.82
N SER A 206 -24.94 15.87 13.68
CA SER A 206 -25.14 16.63 14.92
C SER A 206 -23.96 16.57 15.91
N GLY A 207 -23.15 15.51 15.84
CA GLY A 207 -21.93 15.44 16.66
C GLY A 207 -20.92 16.58 16.40
N LEU A 208 -20.92 17.13 15.19
CA LEU A 208 -20.03 18.25 14.86
C LEU A 208 -20.41 19.55 15.54
N ASN A 209 -21.65 19.63 16.05
CA ASN A 209 -22.16 20.82 16.73
C ASN A 209 -22.01 22.12 15.89
N LEU A 210 -22.45 22.06 14.65
CA LEU A 210 -22.31 23.18 13.73
C LEU A 210 -23.67 23.67 13.27
N ASN A 211 -23.78 24.98 13.06
CA ASN A 211 -24.96 25.56 12.46
C ASN A 211 -24.98 25.18 10.99
N ARG A 212 -26.18 25.22 10.41
CA ARG A 212 -26.37 25.14 8.96
C ARG A 212 -25.53 26.21 8.24
N PHE A 213 -25.15 25.95 6.99
CA PHE A 213 -24.28 26.87 6.24
C PHE A 213 -25.01 27.74 5.25
N THR A 214 -24.62 29.01 5.20
CA THR A 214 -25.08 29.95 4.18
C THR A 214 -23.88 30.29 3.28
N GLU A 215 -24.11 31.10 2.25
CA GLU A 215 -23.05 31.67 1.44
C GLU A 215 -22.02 32.39 2.31
N ASP A 216 -22.50 33.02 3.39
CA ASP A 216 -21.62 33.70 4.32
C ASP A 216 -20.65 32.77 5.05
N SER A 217 -21.07 31.53 5.28
CA SER A 217 -20.18 30.56 5.90
C SER A 217 -18.93 30.36 5.03
N LEU A 218 -19.12 30.28 3.72
CA LEU A 218 -18.01 30.18 2.80
C LEU A 218 -17.21 31.49 2.71
N LEU A 219 -17.92 32.59 2.50
CA LEU A 219 -17.26 33.87 2.26
C LEU A 219 -16.37 34.35 3.40
N ARG A 220 -16.81 34.11 4.63
CA ARG A 220 -16.09 34.50 5.83
C ARG A 220 -14.75 33.75 6.00
N HIS A 221 -14.60 32.63 5.27
CA HIS A 221 -13.40 31.80 5.32
C HIS A 221 -12.77 31.64 3.96
N ALA A 222 -13.09 32.53 3.02
CA ALA A 222 -12.58 32.45 1.66
C ALA A 222 -11.06 32.17 1.58
N GLN A 223 -10.25 32.92 2.34
CA GLN A 223 -8.80 32.79 2.31
C GLN A 223 -8.39 31.41 2.81
N PHE A 224 -8.90 31.02 3.96
CA PHE A 224 -8.58 29.71 4.48
C PHE A 224 -8.97 28.62 3.46
N VAL A 225 -10.18 28.72 2.92
CA VAL A 225 -10.62 27.74 1.94
C VAL A 225 -9.67 27.64 0.73
N VAL A 226 -9.27 28.79 0.16
CA VAL A 226 -8.39 28.75 -1.03
C VAL A 226 -6.99 28.19 -0.68
N GLU A 227 -6.47 28.53 0.49
CA GLU A 227 -5.25 27.89 0.99
C GLU A 227 -5.40 26.34 1.08
N GLN A 228 -6.55 25.86 1.58
CA GLN A 228 -6.77 24.41 1.70
C GLN A 228 -6.87 23.72 0.34
N VAL A 229 -7.51 24.39 -0.62
CA VAL A 229 -7.70 23.85 -1.96
C VAL A 229 -6.35 23.79 -2.68
N GLU A 230 -5.56 24.85 -2.53
CA GLU A 230 -4.21 24.93 -3.11
C GLU A 230 -3.33 23.84 -2.53
N SER A 231 -3.40 23.67 -1.21
CA SER A 231 -2.63 22.69 -0.48
C SER A 231 -2.93 21.29 -0.99
N TYR A 232 -4.22 21.01 -1.17
CA TYR A 232 -4.65 19.73 -1.74
C TYR A 232 -4.07 19.48 -3.13
N ASP A 233 -4.11 20.49 -3.99
CA ASP A 233 -3.53 20.39 -5.34
C ASP A 233 -2.02 20.17 -5.35
N GLU A 234 -1.31 20.92 -4.54
CA GLU A 234 0.16 20.83 -4.47
C GLU A 234 0.66 19.53 -3.84
N ALA A 235 -0.24 18.75 -3.26
CA ALA A 235 0.13 17.54 -2.50
C ALA A 235 0.15 16.26 -3.32
N GLY A 236 -0.85 16.05 -4.17
CA GLY A 236 -0.98 14.74 -4.81
C GLY A 236 -1.19 14.67 -6.31
N ASP A 237 -2.05 13.73 -6.70
CA ASP A 237 -2.74 13.68 -8.00
C ASP A 237 -3.85 12.64 -7.92
N GLN A 241 -6.53 16.64 -13.12
CA GLN A 241 -6.81 18.05 -13.35
C GLN A 241 -7.04 18.74 -12.01
N PRO A 242 -6.34 19.86 -11.77
CA PRO A 242 -6.34 20.48 -10.44
C PRO A 242 -7.65 21.20 -10.16
N ILE A 243 -8.13 21.10 -8.93
CA ILE A 243 -9.41 21.72 -8.56
C ILE A 243 -9.27 23.24 -8.40
N PHE A 244 -8.05 23.71 -8.19
CA PHE A 244 -7.73 25.13 -8.09
C PHE A 244 -8.13 25.91 -9.34
N LEU A 245 -8.16 25.23 -10.48
CA LEU A 245 -8.47 25.85 -11.77
C LEU A 245 -9.94 25.84 -12.13
N THR A 246 -10.75 25.13 -11.35
CA THR A 246 -12.20 25.06 -11.59
C THR A 246 -12.78 26.48 -11.70
N PRO A 247 -13.79 26.69 -12.56
CA PRO A 247 -14.29 28.06 -12.69
C PRO A 247 -14.62 28.71 -11.34
N CYS A 248 -15.31 27.98 -10.46
CA CYS A 248 -15.78 28.59 -9.22
C CYS A 248 -14.66 28.98 -8.26
N ARG A 250 -11.89 30.30 -9.31
CA ARG A 250 -11.42 31.59 -9.83
C ARG A 250 -12.13 32.70 -9.11
N ASP A 251 -13.44 32.51 -8.94
CA ASP A 251 -14.30 33.45 -8.23
C ASP A 251 -13.93 33.57 -6.75
N LEU A 252 -13.71 32.43 -6.10
CA LEU A 252 -13.41 32.42 -4.67
C LEU A 252 -12.06 33.07 -4.36
N ILE A 253 -11.06 32.78 -5.20
CA ILE A 253 -9.73 33.41 -5.10
C ILE A 253 -9.85 34.92 -5.16
N LYS A 254 -10.71 35.40 -6.05
CA LYS A 254 -10.93 36.83 -6.20
C LYS A 254 -11.68 37.41 -4.98
N LEU A 255 -12.70 36.71 -4.51
CA LEU A 255 -13.43 37.13 -3.31
C LEU A 255 -12.53 37.10 -2.07
N ALA A 256 -11.54 36.21 -2.05
CA ALA A 256 -10.57 36.19 -0.94
C ALA A 256 -9.73 37.47 -0.81
N GLY A 257 -9.71 38.30 -1.86
CA GLY A 257 -8.87 39.50 -1.88
C GLY A 257 -9.59 40.78 -1.49
N VAL A 258 -10.82 40.64 -1.03
CA VAL A 258 -11.70 41.77 -0.77
C VAL A 258 -12.15 41.69 0.71
N THR A 259 -12.57 42.82 1.31
CA THR A 259 -13.00 42.79 2.72
C THR A 259 -14.24 41.93 2.90
N LEU A 260 -14.47 41.45 4.11
CA LEU A 260 -15.60 40.58 4.39
C LEU A 260 -16.92 41.24 4.00
N GLY A 261 -17.15 42.46 4.47
CA GLY A 261 -18.29 43.27 4.02
C GLY A 261 -18.52 43.34 2.52
N GLN A 262 -17.44 43.53 1.75
CA GLN A 262 -17.52 43.60 0.27
C GLN A 262 -17.79 42.23 -0.34
N ARG A 263 -17.38 41.17 0.35
CA ARG A 263 -17.71 39.83 -0.09
C ARG A 263 -19.21 39.67 0.05
N ARG A 264 -19.72 40.02 1.23
CA ARG A 264 -21.14 40.01 1.52
C ARG A 264 -21.92 40.84 0.52
N ALA A 265 -21.45 42.06 0.25
CA ALA A 265 -22.09 42.92 -0.75
C ALA A 265 -22.35 42.18 -2.07
N GLN A 266 -21.40 41.33 -2.46
CA GLN A 266 -21.50 40.57 -3.71
C GLN A 266 -22.42 39.36 -3.60
N ALA A 267 -22.72 38.94 -2.37
CA ALA A 267 -23.69 37.86 -2.12
C ALA A 267 -25.07 38.19 -2.73
N GLY B 10 -5.00 -19.90 -45.26
CA GLY B 10 -5.03 -19.82 -43.78
C GLY B 10 -4.25 -20.94 -43.11
N ARG B 11 -4.26 -20.93 -41.78
CA ARG B 11 -3.53 -21.90 -40.94
C ARG B 11 -2.02 -21.87 -41.19
N PHE B 16 4.70 -13.87 -34.39
CA PHE B 16 5.30 -14.42 -35.61
C PHE B 16 4.25 -14.87 -36.62
N GLN B 17 2.97 -14.78 -36.21
CA GLN B 17 1.83 -15.33 -36.96
C GLN B 17 1.86 -16.86 -36.91
N GLY B 18 2.37 -17.38 -35.80
CA GLY B 18 2.44 -18.81 -35.53
C GLY B 18 2.00 -19.14 -34.11
N PRO B 19 2.01 -20.44 -33.75
CA PRO B 19 1.47 -20.87 -32.46
C PRO B 19 2.35 -20.52 -31.26
N LYS B 20 1.73 -20.42 -30.08
CA LYS B 20 2.43 -20.17 -28.82
C LYS B 20 2.26 -21.33 -27.85
N CYS B 21 3.30 -21.64 -27.09
CA CYS B 21 3.21 -22.60 -25.98
C CYS B 21 2.24 -22.07 -24.93
N ILE B 22 1.32 -22.92 -24.50
CA ILE B 22 0.33 -22.50 -23.50
C ILE B 22 0.94 -22.36 -22.10
N GLN B 23 2.04 -23.06 -21.86
CA GLN B 23 2.79 -22.96 -20.60
C GLN B 23 3.66 -21.71 -20.63
N CYS B 24 4.47 -21.64 -21.68
CA CYS B 24 5.46 -20.62 -21.92
C CYS B 24 4.84 -19.25 -22.19
N GLY B 25 3.96 -19.20 -23.19
CA GLY B 25 3.55 -17.97 -23.82
C GLY B 25 4.41 -17.67 -25.04
N GLN B 26 5.43 -18.49 -25.28
CA GLN B 26 6.41 -18.26 -26.34
C GLN B 26 6.02 -18.88 -27.68
N TYR B 27 6.41 -18.21 -28.76
CA TYR B 27 6.14 -18.70 -30.12
C TYR B 27 6.99 -19.93 -30.45
N LEU B 28 6.31 -21.03 -30.77
CA LEU B 28 6.97 -22.26 -31.21
C LEU B 28 7.86 -22.05 -32.44
N ASP B 29 7.48 -21.11 -33.30
CA ASP B 29 8.22 -20.83 -34.52
C ASP B 29 9.14 -19.59 -34.43
N ASP B 30 9.54 -19.23 -33.20
CA ASP B 30 10.47 -18.11 -33.00
C ASP B 30 11.92 -18.61 -33.05
N PRO B 31 12.75 -17.97 -33.89
CA PRO B 31 14.17 -18.31 -34.04
C PRO B 31 14.95 -18.19 -32.73
N ASP B 32 14.54 -17.25 -31.87
CA ASP B 32 15.23 -17.02 -30.60
C ASP B 32 15.00 -18.14 -29.58
N LEU B 33 13.91 -18.87 -29.73
CA LEU B 33 13.54 -19.95 -28.79
C LEU B 33 14.68 -20.93 -28.61
N LYS B 34 15.00 -21.21 -27.34
CA LYS B 34 16.01 -22.19 -27.00
C LYS B 34 15.38 -23.34 -26.21
N TYR B 35 16.06 -24.49 -26.23
CA TYR B 35 15.54 -25.70 -25.61
C TYR B 35 16.44 -26.19 -24.47
N GLY B 36 15.85 -26.99 -23.57
CA GLY B 36 16.58 -27.54 -22.44
C GLY B 36 17.51 -28.67 -22.86
N GLN B 37 18.79 -28.50 -22.58
CA GLN B 37 19.82 -29.51 -22.88
C GLN B 37 20.74 -29.75 -21.68
N HIS B 38 20.86 -31.01 -21.27
CA HIS B 38 21.63 -31.38 -20.08
C HIS B 38 22.83 -32.25 -20.45
N PRO B 39 23.80 -32.40 -19.52
CA PRO B 39 24.84 -33.44 -19.65
C PRO B 39 24.25 -34.85 -19.53
N PRO B 40 24.94 -35.88 -20.07
CA PRO B 40 24.36 -37.23 -20.14
C PRO B 40 24.24 -37.91 -18.78
N ASP B 41 25.10 -37.54 -17.84
CA ASP B 41 25.08 -38.06 -16.47
C ASP B 41 23.99 -37.46 -15.56
N ALA B 42 23.32 -36.41 -16.03
CA ALA B 42 22.32 -35.69 -15.24
C ALA B 42 21.21 -36.62 -14.72
N VAL B 43 20.99 -36.59 -13.41
CA VAL B 43 20.01 -37.47 -12.76
C VAL B 43 18.75 -36.75 -12.23
N ASP B 44 17.84 -37.58 -11.70
CA ASP B 44 16.64 -37.18 -10.98
C ASP B 44 16.98 -36.27 -9.81
N GLU B 45 16.02 -35.48 -9.35
CA GLU B 45 16.26 -34.60 -8.21
C GLU B 45 16.61 -35.33 -6.90
N PRO B 46 15.78 -36.31 -6.46
CA PRO B 46 16.15 -36.99 -5.22
C PRO B 46 17.41 -37.85 -5.37
N GLN B 47 17.69 -38.31 -6.59
CA GLN B 47 18.92 -39.03 -6.85
C GLN B 47 20.13 -38.08 -6.81
N LEU B 49 20.15 -35.28 -5.04
CA LEU B 49 20.18 -34.91 -3.62
C LEU B 49 20.81 -35.96 -2.72
N THR B 50 20.55 -37.24 -3.00
CA THR B 50 21.06 -38.35 -2.18
C THR B 50 22.56 -38.66 -2.41
N ASN B 51 23.22 -37.80 -3.17
CA ASN B 51 24.66 -37.88 -3.41
C ASN B 51 25.46 -37.34 -2.22
N GLU B 52 26.78 -37.58 -2.24
CA GLU B 52 27.77 -37.01 -1.29
C GLU B 52 27.27 -35.92 -0.31
N LEU B 70 14.73 -28.97 5.60
CA LEU B 70 14.84 -28.96 4.15
C LEU B 70 16.28 -28.65 3.72
N PRO B 71 16.91 -29.57 3.00
CA PRO B 71 18.31 -29.37 2.55
C PRO B 71 18.49 -28.15 1.65
N GLN B 72 19.63 -27.49 1.79
CA GLN B 72 19.95 -26.29 0.99
C GLN B 72 21.32 -26.42 0.33
N HIS B 73 21.35 -26.20 -0.98
CA HIS B 73 22.58 -26.37 -1.77
C HIS B 73 22.79 -25.22 -2.72
N LYS B 74 23.99 -25.13 -3.30
CA LYS B 74 24.24 -24.21 -4.40
C LYS B 74 23.81 -24.89 -5.70
N LEU B 75 23.63 -24.11 -6.76
CA LEU B 75 23.30 -24.65 -8.07
C LEU B 75 23.84 -23.75 -9.17
N THR B 76 24.60 -24.34 -10.09
CA THR B 76 25.23 -23.59 -11.20
C THR B 76 24.90 -24.17 -12.57
N CYS B 77 25.34 -23.45 -13.60
CA CYS B 77 25.03 -23.76 -15.00
C CYS B 77 23.54 -24.06 -15.12
N PHE B 78 22.74 -23.26 -14.41
CA PHE B 78 21.33 -23.55 -14.28
C PHE B 78 20.55 -23.16 -15.53
N SER B 79 19.43 -23.85 -15.72
CA SER B 79 18.48 -23.50 -16.78
C SER B 79 17.07 -23.65 -16.21
N VAL B 80 16.16 -22.79 -16.67
CA VAL B 80 14.76 -22.89 -16.27
C VAL B 80 13.90 -23.04 -17.52
N TYR B 81 13.04 -24.04 -17.51
CA TYR B 81 12.16 -24.29 -18.65
C TYR B 81 10.77 -24.73 -18.23
N CYS B 82 9.80 -24.52 -19.11
CA CYS B 82 8.46 -25.07 -18.93
C CYS B 82 8.53 -26.58 -19.16
N LYS B 83 7.38 -27.26 -19.05
CA LYS B 83 7.36 -28.72 -19.14
C LYS B 83 7.61 -29.28 -20.55
N HIS B 84 7.55 -28.40 -21.54
CA HIS B 84 7.89 -28.80 -22.92
C HIS B 84 9.35 -28.47 -23.22
N GLY B 85 10.08 -28.00 -22.21
CA GLY B 85 11.52 -27.77 -22.33
C GLY B 85 11.94 -26.45 -22.97
N HIS B 86 10.98 -25.54 -23.18
CA HIS B 86 11.32 -24.18 -23.63
C HIS B 86 11.91 -23.39 -22.49
N LEU B 87 13.12 -22.87 -22.70
CA LEU B 87 13.77 -22.01 -21.72
C LEU B 87 12.97 -20.73 -21.56
N CYS B 88 12.71 -20.34 -20.31
CA CYS B 88 11.90 -19.14 -20.02
C CYS B 88 12.30 -18.49 -18.70
N PRO B 89 12.01 -17.18 -18.55
CA PRO B 89 12.39 -16.51 -17.31
C PRO B 89 11.55 -16.95 -16.12
N ILE B 90 12.01 -16.58 -14.92
CA ILE B 90 11.36 -16.98 -13.66
C ILE B 90 10.41 -15.92 -13.09
N ASP B 91 10.35 -14.76 -13.74
CA ASP B 91 9.70 -13.59 -13.15
C ASP B 91 8.55 -13.02 -13.97
N THR B 92 7.84 -13.87 -14.71
CA THR B 92 6.71 -13.38 -15.51
C THR B 92 5.33 -13.78 -15.01
N GLY B 93 5.30 -14.44 -13.84
CA GLY B 93 4.03 -14.74 -13.20
C GLY B 93 3.51 -16.13 -13.49
N LEU B 94 4.35 -16.96 -14.12
CA LEU B 94 3.99 -18.34 -14.40
C LEU B 94 3.84 -19.17 -13.12
N ILE B 95 4.82 -19.09 -12.21
CA ILE B 95 4.71 -19.76 -10.90
C ILE B 95 3.40 -19.38 -10.21
N GLU B 96 3.08 -18.09 -10.17
CA GLU B 96 1.84 -17.58 -9.58
C GLU B 96 0.59 -18.25 -10.18
N LYS B 97 0.50 -18.22 -11.51
CA LYS B 97 -0.61 -18.86 -12.23
C LYS B 97 -0.59 -20.39 -12.15
N ASN B 98 0.30 -20.92 -11.31
CA ASN B 98 0.44 -22.36 -11.05
C ASN B 98 0.99 -23.17 -12.23
N ILE B 99 1.79 -22.53 -13.07
CA ILE B 99 2.46 -23.18 -14.18
C ILE B 99 3.72 -23.85 -13.66
N GLU B 100 3.92 -25.10 -14.01
CA GLU B 100 5.06 -25.86 -13.51
C GLU B 100 6.31 -25.56 -14.34
N LEU B 101 7.26 -24.88 -13.73
CA LEU B 101 8.56 -24.60 -14.36
C LEU B 101 9.63 -25.52 -13.77
N PHE B 102 10.41 -26.15 -14.64
CA PHE B 102 11.45 -27.06 -14.20
C PHE B 102 12.82 -26.46 -14.46
N PHE B 103 13.85 -27.05 -13.86
CA PHE B 103 15.21 -26.53 -13.97
C PHE B 103 16.29 -27.62 -13.97
N SER B 104 17.47 -27.23 -14.40
CA SER B 104 18.59 -28.16 -14.55
C SER B 104 19.88 -27.45 -14.19
N GLY B 105 20.87 -28.21 -13.74
CA GLY B 105 22.17 -27.65 -13.40
C GLY B 105 22.99 -28.54 -12.50
N SER B 106 24.06 -27.99 -11.94
CA SER B 106 24.95 -28.75 -11.08
C SER B 106 24.87 -28.25 -9.64
N ALA B 107 24.57 -29.17 -8.72
CA ALA B 107 24.48 -28.83 -7.30
C ALA B 107 25.80 -29.06 -6.57
N LYS B 108 26.36 -27.98 -6.03
CA LYS B 108 27.52 -28.04 -5.16
C LYS B 108 27.03 -27.92 -3.71
N PRO B 109 27.85 -28.35 -2.73
CA PRO B 109 27.48 -28.10 -1.33
C PRO B 109 27.26 -26.61 -1.05
N ILE B 110 26.52 -26.31 0.01
CA ILE B 110 26.11 -24.93 0.32
C ILE B 110 27.28 -23.95 0.52
N TYR B 111 28.40 -24.48 1.02
CA TYR B 111 29.56 -23.67 1.39
C TYR B 111 30.57 -23.48 0.24
N ASP B 112 30.47 -24.29 -0.80
CA ASP B 112 31.44 -24.27 -1.91
C ASP B 112 31.15 -23.14 -2.90
N ASP B 113 32.23 -22.57 -3.45
CA ASP B 113 32.12 -21.57 -4.51
C ASP B 113 32.28 -22.23 -5.88
N ASP B 114 32.46 -21.41 -6.92
CA ASP B 114 32.62 -21.93 -8.27
C ASP B 114 34.10 -22.10 -8.62
N GLU B 118 32.80 -26.17 -12.47
CA GLU B 118 31.50 -26.83 -12.31
C GLU B 118 31.65 -28.33 -12.01
N GLY B 119 32.57 -28.66 -11.10
CA GLY B 119 32.76 -30.04 -10.65
C GLY B 119 31.92 -30.44 -9.44
N GLY B 120 30.60 -30.43 -9.63
CA GLY B 120 29.64 -30.85 -8.59
C GLY B 120 28.80 -32.04 -9.02
N VAL B 121 27.49 -31.99 -8.76
CA VAL B 121 26.57 -33.08 -9.12
C VAL B 121 25.50 -32.58 -10.08
N ASN B 122 25.44 -33.18 -11.28
CA ASN B 122 24.52 -32.72 -12.32
C ASN B 122 23.11 -33.28 -12.26
N GLY B 123 22.12 -32.40 -12.38
CA GLY B 123 20.71 -32.78 -12.33
C GLY B 123 19.89 -32.22 -13.46
N LYS B 124 18.67 -32.75 -13.63
CA LYS B 124 17.76 -32.35 -14.71
C LYS B 124 16.31 -32.57 -14.29
N ASN B 125 15.40 -31.82 -14.93
CA ASN B 125 13.97 -31.85 -14.62
C ASN B 125 13.72 -31.67 -13.12
N LEU B 126 14.49 -30.77 -12.52
CA LEU B 126 14.55 -30.59 -11.06
C LEU B 126 13.32 -29.98 -10.39
N GLY B 127 12.36 -29.50 -11.16
CA GLY B 127 11.21 -28.86 -10.52
C GLY B 127 10.13 -29.75 -9.91
N PRO B 128 8.90 -29.24 -9.86
CA PRO B 128 8.64 -27.85 -10.28
C PRO B 128 9.00 -26.85 -9.18
N ILE B 129 9.36 -25.63 -9.59
CA ILE B 129 9.68 -24.54 -8.68
C ILE B 129 8.42 -24.08 -7.94
N ASN B 130 8.43 -24.16 -6.61
CA ASN B 130 7.30 -23.71 -5.80
C ASN B 130 7.32 -22.20 -5.59
N GLU B 131 8.53 -21.65 -5.47
CA GLU B 131 8.76 -20.27 -5.13
C GLU B 131 10.16 -19.87 -5.51
N TRP B 132 10.34 -18.62 -5.91
CA TRP B 132 11.68 -18.05 -5.93
C TRP B 132 11.76 -16.81 -5.02
N TRP B 133 12.97 -16.48 -4.58
CA TRP B 133 13.19 -15.48 -3.54
C TRP B 133 14.60 -14.91 -3.58
N ILE B 134 14.81 -13.83 -2.83
CA ILE B 134 16.11 -13.21 -2.63
C ILE B 134 16.56 -13.42 -1.17
N THR B 135 17.86 -13.62 -0.94
CA THR B 135 18.38 -13.89 0.40
C THR B 135 19.72 -13.21 0.71
N LYS B 142 25.88 -8.29 -2.21
CA LYS B 142 25.63 -9.42 -3.12
C LYS B 142 24.41 -10.22 -2.66
N ALA B 143 23.26 -9.91 -3.26
CA ALA B 143 22.03 -10.68 -3.05
C ALA B 143 22.05 -11.90 -3.95
N LEU B 144 21.37 -12.96 -3.55
CA LEU B 144 21.36 -14.18 -4.34
C LEU B 144 19.94 -14.71 -4.56
N ILE B 145 19.71 -15.32 -5.72
CA ILE B 145 18.39 -15.87 -6.06
C ILE B 145 18.30 -17.29 -5.53
N GLY B 146 17.15 -17.62 -4.96
CA GLY B 146 16.88 -18.97 -4.49
C GLY B 146 15.65 -19.55 -5.14
N PHE B 147 15.64 -20.88 -5.28
CA PHE B 147 14.48 -21.66 -5.70
C PHE B 147 14.09 -22.58 -4.55
N SER B 148 12.79 -22.85 -4.41
CA SER B 148 12.31 -23.91 -3.53
C SER B 148 11.57 -25.00 -4.30
N THR B 149 11.88 -26.26 -3.99
CA THR B 149 11.08 -27.39 -4.49
C THR B 149 10.50 -28.15 -3.31
N SER B 150 9.79 -29.24 -3.59
CA SER B 150 9.29 -30.09 -2.52
C SER B 150 10.40 -30.90 -1.85
N PHE B 151 11.59 -30.90 -2.46
CA PHE B 151 12.70 -31.69 -1.93
C PHE B 151 13.76 -30.83 -1.25
N ALA B 152 14.06 -29.68 -1.84
CA ALA B 152 15.19 -28.89 -1.41
C ALA B 152 15.10 -27.43 -1.78
N GLU B 153 16.09 -26.69 -1.32
CA GLU B 153 16.26 -25.30 -1.71
C GLU B 153 17.63 -25.15 -2.37
N TYR B 154 17.70 -24.24 -3.34
CA TYR B 154 18.89 -24.03 -4.15
C TYR B 154 19.24 -22.56 -4.20
N ILE B 155 20.52 -22.26 -4.05
CA ILE B 155 21.00 -20.91 -4.22
C ILE B 155 21.68 -20.84 -5.58
N LEU B 156 21.19 -19.96 -6.44
CA LEU B 156 21.69 -19.90 -7.81
C LEU B 156 23.05 -19.22 -7.88
N ASP B 158 25.69 -19.35 -11.38
CA ASP B 158 25.82 -18.84 -12.75
C ASP B 158 24.85 -19.55 -13.68
N PRO B 159 24.15 -18.80 -14.54
CA PRO B 159 23.24 -19.43 -15.49
C PRO B 159 24.00 -20.23 -16.57
N SER B 160 23.28 -21.08 -17.29
CA SER B 160 23.83 -21.74 -18.48
C SER B 160 24.24 -20.69 -19.50
N PRO B 161 25.22 -21.01 -20.37
CA PRO B 161 25.54 -20.10 -21.47
C PRO B 161 24.30 -19.83 -22.31
N GLU B 162 23.46 -20.86 -22.46
CA GLU B 162 22.20 -20.76 -23.20
C GLU B 162 21.12 -20.04 -22.41
N TYR B 163 21.16 -20.14 -21.09
CA TYR B 163 20.13 -19.52 -20.27
C TYR B 163 20.43 -18.08 -19.88
N ALA B 164 21.70 -17.69 -20.01
CA ALA B 164 22.19 -16.36 -19.60
C ALA B 164 21.38 -15.17 -20.14
N PRO B 165 21.14 -15.12 -21.47
CA PRO B 165 20.36 -14.02 -22.04
C PRO B 165 18.94 -13.92 -21.47
N ILE B 166 18.33 -15.07 -21.17
CA ILE B 166 16.97 -15.10 -20.62
C ILE B 166 16.94 -14.68 -19.16
N PHE B 167 17.85 -15.24 -18.38
CA PHE B 167 18.03 -14.89 -16.98
C PHE B 167 18.27 -13.39 -16.85
N GLY B 168 19.07 -12.82 -17.75
CA GLY B 168 19.39 -11.41 -17.73
C GLY B 168 18.26 -10.49 -18.17
N LEU B 169 17.08 -11.05 -18.43
CA LEU B 169 15.90 -10.26 -18.79
C LEU B 169 15.01 -10.01 -17.56
N GLN B 171 13.17 -8.33 -14.82
CA GLN B 171 12.61 -6.98 -14.73
C GLN B 171 12.96 -6.30 -13.41
N GLU B 172 12.98 -4.98 -13.44
CA GLU B 172 13.23 -4.19 -12.25
C GLU B 172 12.15 -4.47 -11.19
N LYS B 173 10.88 -4.37 -11.60
CA LYS B 173 9.76 -4.39 -10.66
C LYS B 173 9.63 -5.69 -9.85
N ILE B 174 9.77 -6.82 -10.53
CA ILE B 174 9.62 -8.14 -9.91
C ILE B 174 10.76 -8.41 -8.91
N TYR B 175 11.98 -8.01 -9.30
CA TYR B 175 13.17 -8.12 -8.45
C TYR B 175 13.07 -7.19 -7.22
N ILE B 176 12.57 -5.98 -7.43
CA ILE B 176 12.30 -5.05 -6.33
C ILE B 176 11.27 -5.66 -5.36
N SER B 177 10.16 -6.17 -5.90
CA SER B 177 9.16 -6.89 -5.09
C SER B 177 9.80 -7.94 -4.19
N LYS B 178 10.71 -8.73 -4.76
CA LYS B 178 11.35 -9.80 -4.00
C LYS B 178 12.27 -9.24 -2.92
N ILE B 179 12.97 -8.14 -3.22
CA ILE B 179 13.74 -7.43 -2.20
C ILE B 179 12.81 -6.98 -1.04
N VAL B 180 11.74 -6.29 -1.39
CA VAL B 180 10.78 -5.81 -0.40
C VAL B 180 10.29 -6.95 0.49
N VAL B 181 9.88 -8.08 -0.13
CA VAL B 181 9.42 -9.25 0.62
C VAL B 181 10.47 -9.71 1.63
N GLU B 182 11.72 -9.88 1.16
CA GLU B 182 12.81 -10.34 2.01
C GLU B 182 13.06 -9.37 3.18
N PHE B 183 13.06 -8.07 2.89
CA PHE B 183 13.30 -7.05 3.89
C PHE B 183 12.19 -7.01 4.96
N LEU B 184 10.95 -7.20 4.53
CA LEU B 184 9.82 -7.23 5.45
C LEU B 184 9.88 -8.43 6.40
N GLN B 185 10.28 -9.58 5.85
CA GLN B 185 10.43 -10.81 6.62
C GLN B 185 11.39 -10.64 7.78
N SER B 186 12.45 -9.86 7.56
CA SER B 186 13.51 -9.66 8.55
C SER B 186 13.28 -8.43 9.43
N ASN B 187 12.71 -7.37 8.85
CA ASN B 187 12.63 -6.07 9.49
C ASN B 187 11.28 -5.43 9.28
N SER B 188 10.22 -6.13 9.65
CA SER B 188 8.86 -5.64 9.40
C SER B 188 8.53 -4.35 10.18
N ASP B 189 9.30 -4.06 11.23
CA ASP B 189 9.11 -2.86 12.02
C ASP B 189 10.03 -1.72 11.58
N SER B 190 10.64 -1.84 10.42
CA SER B 190 11.52 -0.78 9.93
C SER B 190 10.76 0.37 9.27
N THR B 191 11.47 1.46 9.02
CA THR B 191 10.88 2.65 8.39
C THR B 191 10.93 2.55 6.88
N TYR B 192 10.25 3.49 6.23
CA TYR B 192 10.33 3.67 4.78
C TYR B 192 11.76 4.05 4.31
N GLU B 193 12.41 4.96 5.03
CA GLU B 193 13.77 5.37 4.67
C GLU B 193 14.80 4.23 4.86
N ASP B 194 14.55 3.35 5.83
CA ASP B 194 15.30 2.09 5.99
C ASP B 194 15.19 1.19 4.77
N LEU B 195 13.96 1.07 4.24
CA LEU B 195 13.66 0.24 3.08
C LEU B 195 14.34 0.79 1.83
N ILE B 196 14.22 2.11 1.63
CA ILE B 196 14.90 2.79 0.51
C ILE B 196 16.41 2.53 0.54
N ASN B 197 17.01 2.65 1.72
CA ASN B 197 18.46 2.40 1.87
C ASN B 197 18.86 0.96 1.56
N LYS B 198 18.00 0.01 1.93
CA LYS B 198 18.23 -1.39 1.58
C LYS B 198 18.22 -1.54 0.07
N ILE B 199 17.30 -0.86 -0.59
CA ILE B 199 17.17 -0.92 -2.05
C ILE B 199 18.37 -0.26 -2.75
N GLU B 200 18.78 0.90 -2.25
CA GLU B 200 19.84 1.66 -2.90
C GLU B 200 21.20 0.97 -2.80
N THR B 201 21.38 0.18 -1.74
CA THR B 201 22.68 -0.46 -1.45
C THR B 201 22.79 -1.91 -1.95
N THR B 202 21.66 -2.53 -2.29
CA THR B 202 21.65 -3.95 -2.70
C THR B 202 22.40 -4.19 -4.01
N VAL B 203 23.37 -5.11 -3.97
CA VAL B 203 24.12 -5.49 -5.15
C VAL B 203 23.38 -6.64 -5.83
N PRO B 204 22.82 -6.39 -7.02
CA PRO B 204 22.12 -7.48 -7.72
C PRO B 204 23.13 -8.44 -8.35
N PRO B 205 22.78 -9.73 -8.47
CA PRO B 205 23.65 -10.69 -9.15
C PRO B 205 24.09 -10.14 -10.52
N SER B 206 25.38 -10.26 -10.82
CA SER B 206 25.96 -9.69 -12.04
C SER B 206 25.25 -10.11 -13.33
N GLY B 207 24.98 -11.41 -13.45
CA GLY B 207 24.32 -11.96 -14.64
C GLY B 207 22.86 -11.59 -14.83
N LEU B 208 22.38 -10.63 -14.05
CA LEU B 208 20.99 -10.16 -14.16
C LEU B 208 20.81 -8.97 -15.12
N ASN B 209 21.92 -8.26 -15.39
CA ASN B 209 21.93 -7.08 -16.26
C ASN B 209 21.05 -5.92 -15.77
N LEU B 210 20.89 -5.80 -14.44
CA LEU B 210 20.08 -4.72 -13.86
C LEU B 210 20.96 -3.53 -13.47
N ASN B 211 20.35 -2.35 -13.41
CA ASN B 211 21.04 -1.15 -12.93
C ASN B 211 20.83 -0.95 -11.44
N ARG B 212 21.75 -0.22 -10.82
CA ARG B 212 21.61 0.16 -9.41
C ARG B 212 20.26 0.82 -9.20
N PHE B 213 19.63 0.53 -8.08
CA PHE B 213 18.28 1.00 -7.82
C PHE B 213 18.23 2.38 -7.14
N THR B 214 17.09 3.05 -7.27
CA THR B 214 16.85 4.35 -6.67
C THR B 214 15.54 4.27 -5.90
N GLU B 215 15.18 5.36 -5.21
CA GLU B 215 13.86 5.46 -4.62
C GLU B 215 12.80 5.29 -5.71
N ASP B 216 13.03 5.95 -6.85
CA ASP B 216 12.13 5.92 -7.99
C ASP B 216 11.95 4.52 -8.55
N SER B 217 12.98 3.68 -8.49
CA SER B 217 12.85 2.27 -8.83
C SER B 217 11.69 1.63 -8.07
N LEU B 218 11.53 2.00 -6.80
CA LEU B 218 10.44 1.49 -5.99
C LEU B 218 9.14 2.26 -6.20
N LEU B 219 9.22 3.59 -6.15
CA LEU B 219 8.03 4.42 -6.21
C LEU B 219 7.23 4.26 -7.51
N ARG B 220 7.92 4.01 -8.61
CA ARG B 220 7.27 3.83 -9.90
C ARG B 220 6.51 2.51 -9.97
N HIS B 221 6.99 1.53 -9.22
CA HIS B 221 6.37 0.21 -9.19
C HIS B 221 5.66 -0.06 -7.87
N ALA B 222 5.29 1.00 -7.17
CA ALA B 222 4.72 0.88 -5.81
C ALA B 222 3.43 0.08 -5.77
N GLN B 223 2.50 0.35 -6.69
CA GLN B 223 1.23 -0.40 -6.72
C GLN B 223 1.45 -1.89 -7.01
N PHE B 224 2.43 -2.19 -7.85
CA PHE B 224 2.78 -3.58 -8.17
C PHE B 224 3.40 -4.29 -6.96
N VAL B 225 4.32 -3.60 -6.29
CA VAL B 225 4.99 -4.13 -5.10
C VAL B 225 3.99 -4.47 -3.99
N VAL B 226 3.10 -3.55 -3.66
CA VAL B 226 2.14 -3.81 -2.57
C VAL B 226 1.15 -4.93 -2.96
N GLU B 227 0.79 -5.01 -4.24
CA GLU B 227 0.01 -6.17 -4.73
C GLU B 227 0.78 -7.46 -4.49
N GLN B 228 2.07 -7.46 -4.84
CA GLN B 228 2.91 -8.65 -4.64
C GLN B 228 3.06 -9.03 -3.19
N VAL B 229 3.18 -8.06 -2.30
CA VAL B 229 3.33 -8.36 -0.86
C VAL B 229 2.00 -8.86 -0.28
N GLU B 230 0.92 -8.23 -0.68
CA GLU B 230 -0.40 -8.62 -0.25
C GLU B 230 -0.67 -10.06 -0.71
N SER B 231 -0.48 -10.30 -2.00
CA SER B 231 -0.66 -11.62 -2.58
C SER B 231 0.21 -12.67 -1.91
N TYR B 232 1.39 -12.27 -1.46
CA TYR B 232 2.29 -13.16 -0.73
C TYR B 232 1.72 -13.66 0.60
N ASP B 233 1.02 -12.78 1.31
CA ASP B 233 0.36 -13.13 2.57
C ASP B 233 -0.82 -14.06 2.36
N GLU B 234 -1.47 -13.92 1.21
CA GLU B 234 -2.62 -14.76 0.85
C GLU B 234 -2.20 -16.23 0.70
N ALA B 235 -0.98 -16.45 0.19
CA ALA B 235 -0.47 -17.80 -0.03
C ALA B 235 0.01 -18.46 1.27
N GLY B 236 -0.93 -19.08 2.00
CA GLY B 236 -0.63 -19.81 3.24
C GLY B 236 -0.37 -18.89 4.42
N ASP B 237 -1.00 -19.20 5.56
CA ASP B 237 -0.90 -18.34 6.76
C ASP B 237 -0.35 -19.10 7.97
N GLN B 241 3.91 -15.29 10.42
CA GLN B 241 3.92 -13.85 10.67
C GLN B 241 3.68 -13.05 9.37
N PRO B 242 2.49 -12.43 9.26
CA PRO B 242 2.12 -11.64 8.06
C PRO B 242 3.16 -10.56 7.81
N ILE B 243 3.29 -10.11 6.57
CA ILE B 243 4.24 -9.04 6.26
C ILE B 243 3.56 -7.82 5.61
N PHE B 244 2.29 -7.98 5.23
CA PHE B 244 1.55 -6.85 4.69
C PHE B 244 1.10 -5.87 5.79
N LEU B 245 0.36 -6.38 6.79
CA LEU B 245 -0.15 -5.52 7.86
C LEU B 245 0.96 -5.23 8.84
N THR B 246 1.90 -4.40 8.39
CA THR B 246 3.20 -4.25 9.00
C THR B 246 3.53 -2.74 9.00
N PRO B 247 4.26 -2.26 10.03
CA PRO B 247 4.67 -0.84 10.09
C PRO B 247 5.42 -0.37 8.85
N CYS B 248 6.30 -1.19 8.30
CA CYS B 248 7.08 -0.80 7.13
C CYS B 248 6.19 -0.64 5.88
N ARG B 250 2.92 -0.11 6.04
CA ARG B 250 2.00 1.01 6.25
C ARG B 250 2.67 2.37 5.97
N ASP B 251 3.97 2.45 6.25
CA ASP B 251 4.78 3.61 5.92
C ASP B 251 4.99 3.76 4.41
N LEU B 252 5.27 2.64 3.73
CA LEU B 252 5.41 2.65 2.27
C LEU B 252 4.14 3.15 1.57
N ILE B 253 3.00 2.59 1.95
CA ILE B 253 1.69 2.98 1.41
C ILE B 253 1.43 4.46 1.65
N LYS B 254 1.73 4.92 2.88
CA LYS B 254 1.59 6.32 3.26
C LYS B 254 2.42 7.24 2.37
N LEU B 255 3.73 7.01 2.33
CA LEU B 255 4.65 7.90 1.63
C LEU B 255 4.55 7.79 0.11
N ALA B 256 4.22 6.61 -0.38
CA ALA B 256 4.10 6.40 -1.82
C ALA B 256 2.71 6.77 -2.33
N GLY B 257 1.80 7.06 -1.41
CA GLY B 257 0.43 7.43 -1.74
C GLY B 257 -0.38 6.38 -2.48
N VAL B 258 -0.29 5.12 -2.05
CA VAL B 258 -1.19 4.08 -2.57
C VAL B 258 -2.53 4.11 -1.81
N THR B 259 -3.64 4.13 -2.54
CA THR B 259 -4.97 4.23 -1.92
C THR B 259 -5.71 2.89 -1.95
N LEU B 260 -6.86 2.86 -1.28
CA LEU B 260 -7.74 1.70 -1.24
C LEU B 260 -8.41 1.42 -2.60
N GLY B 261 -8.77 2.50 -3.30
CA GLY B 261 -9.34 2.41 -4.64
C GLY B 261 -8.35 1.88 -5.65
N GLN B 262 -7.10 2.31 -5.52
CA GLN B 262 -6.00 1.80 -6.36
C GLN B 262 -5.73 0.33 -6.07
N ARG B 263 -5.70 -0.02 -4.79
CA ARG B 263 -5.51 -1.41 -4.34
C ARG B 263 -6.61 -2.37 -4.81
N ARG B 264 -7.70 -1.83 -5.36
CA ARG B 264 -8.84 -2.63 -5.83
C ARG B 264 -8.70 -3.17 -7.27
N ALA B 265 -7.56 -2.91 -7.90
CA ALA B 265 -7.32 -3.34 -9.30
C ALA B 265 -7.33 -4.87 -9.48
#